data_6Z59
#
_entry.id   6Z59
#
_cell.length_a   69.159
_cell.length_b   78.290
_cell.length_c   86.520
_cell.angle_alpha   90.000
_cell.angle_beta   90.000
_cell.angle_gamma   90.000
#
_symmetry.space_group_name_H-M   'P 21 21 21'
#
loop_
_entity.id
_entity.type
_entity.pdbx_description
1 polymer 'Serine/threonine-protein kinase haspin'
2 non-polymer 11-oxa-8,14,18,19,22-pentazatetracyclo[13.5.2.12,6.018,21]tricosa-1(21),2,4,6(23),15(22),16,19-heptaen-7-one
3 non-polymer 'SODIUM ION'
4 water water
#
_entity_poly.entity_id   1
_entity_poly.type   'polypeptide(L)'
_entity_poly.pdbx_seq_one_letter_code
;MHHHHHHSSGVDLGTENLYFQSMGECSQKGPVPFSHCLPTEKLQRCEKIGEGVFGEVFQTIADHTPVAIKIIAIEGPDLV
NGSHQKTFEEILPEIIISKELSLLSGEVCNRTEGFIGLNSVHCVQGSYPPLLLKAWDHYNSTKGSANDRPDFFKDDQLFI
VLEFEFGGIDLEQMRTKLSSLATAKSILHQLTASLAVAEASLRFEHRDLHWGNVLLKKTSLKKLHYTLNGKSSTIPSCGL
QVSIIDYTLSRLERDGIVVFCDVSMDEDLFTGDGDYQFDIYRLMKKENNNRWGEYHPYSNVLWLHYLTDKMLKQMTFKTK
CNTPAMKQIKRKIQEFHRTMLNFSSATDLLCQHSLFK
;
_entity_poly.pdbx_strand_id   A
#
# COMPACT_ATOMS: atom_id res chain seq x y z
N GLY A 30 1.57 -17.60 24.38
CA GLY A 30 0.86 -17.55 23.07
C GLY A 30 0.12 -16.23 22.90
N PRO A 31 -1.19 -16.26 22.55
CA PRO A 31 -1.88 -14.98 22.33
C PRO A 31 -2.12 -14.17 23.58
N VAL A 32 -2.22 -12.86 23.42
CA VAL A 32 -2.63 -11.93 24.48
C VAL A 32 -4.07 -11.40 24.25
N PRO A 33 -4.71 -10.90 25.31
CA PRO A 33 -6.04 -10.32 25.08
C PRO A 33 -5.97 -9.04 24.23
N PHE A 34 -7.09 -8.66 23.63
CA PHE A 34 -7.16 -7.42 22.86
C PHE A 34 -6.70 -6.20 23.64
N SER A 35 -7.07 -6.17 24.92
CA SER A 35 -6.80 -5.04 25.81
C SER A 35 -5.34 -4.79 26.02
N HIS A 36 -4.52 -5.84 25.90
CA HIS A 36 -3.06 -5.68 25.94
C HIS A 36 -2.53 -4.83 24.79
N CYS A 37 -3.12 -4.95 23.60
CA CYS A 37 -2.80 -4.06 22.47
C CYS A 37 -3.58 -2.79 22.43
N LEU A 38 -4.86 -2.92 22.70
CA LEU A 38 -5.80 -1.83 22.61
C LEU A 38 -6.42 -1.58 24.01
N PRO A 39 -5.65 -0.96 24.94
CA PRO A 39 -6.31 -0.52 26.18
C PRO A 39 -7.41 0.51 25.90
N THR A 40 -8.22 0.79 26.91
CA THR A 40 -9.44 1.59 26.75
C THR A 40 -9.24 2.88 25.97
N GLU A 41 -8.27 3.68 26.37
CA GLU A 41 -8.07 5.00 25.74
CA GLU A 41 -8.08 5.00 25.75
C GLU A 41 -7.72 4.86 24.26
N LYS A 42 -6.85 3.91 23.97
CA LYS A 42 -6.45 3.56 22.64
C LYS A 42 -7.63 3.06 21.79
N LEU A 43 -8.52 2.23 22.38
CA LEU A 43 -9.79 1.82 21.73
C LEU A 43 -10.70 2.99 21.46
N GLN A 44 -10.84 3.84 22.50
CA GLN A 44 -11.71 4.98 22.43
C GLN A 44 -11.30 5.96 21.35
N ARG A 45 -10.04 5.96 20.96
CA ARG A 45 -9.60 6.87 19.91
C ARG A 45 -9.58 6.25 18.47
N CYS A 46 -9.90 4.98 18.35
CA CYS A 46 -9.92 4.29 17.05
C CYS A 46 -10.96 4.84 16.10
N GLU A 47 -10.55 5.23 14.91
CA GLU A 47 -11.44 5.56 13.78
CA GLU A 47 -11.46 5.51 13.82
C GLU A 47 -11.13 4.55 12.67
N LYS A 48 -12.15 3.92 12.08
CA LYS A 48 -11.89 3.02 10.93
C LYS A 48 -11.51 3.85 9.71
N ILE A 49 -10.42 3.48 9.06
CA ILE A 49 -9.93 4.18 7.89
C ILE A 49 -9.87 3.34 6.61
N GLY A 50 -9.95 2.03 6.74
CA GLY A 50 -9.93 1.22 5.56
C GLY A 50 -10.19 -0.23 5.87
N GLU A 51 -10.19 -1.02 4.79
CA GLU A 51 -10.65 -2.40 4.88
C GLU A 51 -10.19 -3.17 3.68
N GLY A 52 -10.36 -4.47 3.76
CA GLY A 52 -10.21 -5.33 2.58
C GLY A 52 -10.72 -6.70 2.94
N VAL A 53 -10.61 -7.66 2.02
CA VAL A 53 -10.98 -9.04 2.35
C VAL A 53 -10.26 -9.52 3.63
N PHE A 54 -9.01 -9.11 3.79
CA PHE A 54 -8.24 -9.39 5.01
C PHE A 54 -8.88 -8.99 6.34
N GLY A 55 -9.70 -7.96 6.35
CA GLY A 55 -10.20 -7.37 7.59
C GLY A 55 -10.28 -5.85 7.57
N GLU A 56 -9.76 -5.24 8.66
CA GLU A 56 -10.11 -3.89 9.05
C GLU A 56 -8.86 -3.06 9.41
N VAL A 57 -8.89 -1.78 9.07
CA VAL A 57 -7.77 -0.88 9.41
C VAL A 57 -8.33 0.30 10.17
N PHE A 58 -7.71 0.59 11.34
CA PHE A 58 -8.16 1.70 12.18
C PHE A 58 -7.03 2.67 12.36
N GLN A 59 -7.37 3.93 12.59
CA GLN A 59 -6.42 4.93 13.02
C GLN A 59 -6.64 5.12 14.49
N THR A 60 -5.57 5.35 15.25
CA THR A 60 -5.70 5.71 16.66
C THR A 60 -4.43 6.43 17.13
N ILE A 61 -4.26 6.59 18.45
CA ILE A 61 -3.08 7.27 19.03
C ILE A 61 -2.37 6.29 19.98
N ALA A 62 -1.07 6.13 19.80
CA ALA A 62 -0.27 5.34 20.77
C ALA A 62 0.85 6.26 21.23
N ASP A 63 0.86 6.56 22.52
CA ASP A 63 1.93 7.36 23.15
C ASP A 63 2.04 8.68 22.41
N HIS A 64 0.92 9.40 22.31
CA HIS A 64 0.79 10.71 21.68
C HIS A 64 1.20 10.71 20.20
N THR A 65 1.12 9.55 19.57
CA THR A 65 1.59 9.40 18.22
C THR A 65 0.50 8.68 17.38
N PRO A 66 0.12 9.27 16.24
CA PRO A 66 -0.83 8.58 15.36
C PRO A 66 -0.27 7.28 14.84
N VAL A 67 -1.07 6.23 14.85
CA VAL A 67 -0.73 4.96 14.26
C VAL A 67 -1.95 4.37 13.51
N ALA A 68 -1.68 3.41 12.62
CA ALA A 68 -2.70 2.63 11.91
C ALA A 68 -2.61 1.20 12.36
N ILE A 69 -3.75 0.61 12.71
CA ILE A 69 -3.86 -0.75 13.21
C ILE A 69 -4.61 -1.61 12.18
N LYS A 70 -3.96 -2.67 11.71
CA LYS A 70 -4.55 -3.58 10.71
C LYS A 70 -4.85 -4.86 11.48
N ILE A 71 -6.08 -5.34 11.39
CA ILE A 71 -6.53 -6.46 12.19
C ILE A 71 -7.06 -7.52 11.27
N ILE A 72 -6.49 -8.71 11.41
CA ILE A 72 -6.76 -9.85 10.53
C ILE A 72 -7.08 -11.08 11.39
N ALA A 73 -8.26 -11.63 11.21
CA ALA A 73 -8.65 -12.90 11.82
C ALA A 73 -7.82 -13.99 11.22
N ILE A 74 -7.38 -14.92 12.05
CA ILE A 74 -6.62 -16.07 11.60
C ILE A 74 -7.13 -17.33 12.32
N GLU A 75 -6.91 -18.48 11.67
CA GLU A 75 -7.02 -19.82 12.28
C GLU A 75 -8.43 -20.35 12.56
N GLY A 76 -9.46 -19.58 12.25
CA GLY A 76 -10.84 -20.00 12.47
C GLY A 76 -11.45 -20.63 11.22
N PRO A 77 -12.57 -21.32 11.36
CA PRO A 77 -13.17 -21.94 10.18
C PRO A 77 -14.32 -21.11 9.54
N ASP A 78 -14.78 -20.02 10.18
CA ASP A 78 -15.85 -19.19 9.60
C ASP A 78 -15.36 -18.42 8.38
N LEU A 79 -16.29 -18.15 7.47
CA LEU A 79 -16.02 -17.32 6.30
C LEU A 79 -15.97 -15.89 6.77
N VAL A 80 -15.01 -15.15 6.23
CA VAL A 80 -14.82 -13.75 6.58
C VAL A 80 -14.63 -12.97 5.33
N ASN A 81 -15.58 -12.09 5.03
CA ASN A 81 -15.54 -11.25 3.84
C ASN A 81 -15.36 -12.12 2.59
N GLY A 82 -16.02 -13.26 2.58
CA GLY A 82 -16.01 -14.14 1.43
C GLY A 82 -14.88 -15.12 1.29
N SER A 83 -13.90 -15.11 2.19
CA SER A 83 -12.79 -16.09 2.10
C SER A 83 -12.61 -16.74 3.44
N HIS A 84 -11.88 -17.84 3.43
CA HIS A 84 -11.49 -18.49 4.64
C HIS A 84 -10.37 -17.72 5.24
N GLN A 85 -10.24 -17.88 6.56
CA GLN A 85 -9.19 -17.22 7.30
C GLN A 85 -7.89 -17.88 7.07
N LYS A 86 -6.84 -17.07 7.07
CA LYS A 86 -5.51 -17.61 6.96
C LYS A 86 -5.08 -18.23 8.27
N THR A 87 -4.13 -19.14 8.17
CA THR A 87 -3.41 -19.70 9.29
C THR A 87 -2.30 -18.71 9.64
N PHE A 88 -1.64 -18.92 10.78
CA PHE A 88 -0.51 -18.07 11.19
C PHE A 88 0.57 -18.10 10.11
N GLU A 89 0.88 -19.30 9.64
CA GLU A 89 1.86 -19.50 8.58
C GLU A 89 1.54 -18.69 7.38
N GLU A 90 0.27 -18.54 7.05
CA GLU A 90 -0.11 -17.83 5.82
C GLU A 90 -0.04 -16.31 5.94
N ILE A 91 0.09 -15.80 7.16
CA ILE A 91 0.20 -14.37 7.38
C ILE A 91 1.63 -13.98 7.50
N LEU A 92 2.48 -14.94 7.87
CA LEU A 92 3.91 -14.68 7.97
C LEU A 92 4.51 -13.89 6.78
N PRO A 93 4.23 -14.29 5.51
CA PRO A 93 4.77 -13.47 4.39
C PRO A 93 4.48 -12.00 4.51
N GLU A 94 3.26 -11.65 4.87
CA GLU A 94 2.93 -10.23 4.97
C GLU A 94 3.68 -9.54 6.09
N ILE A 95 3.97 -10.28 7.15
CA ILE A 95 4.75 -9.74 8.28
C ILE A 95 6.19 -9.49 7.89
N ILE A 96 6.76 -10.50 7.26
CA ILE A 96 8.10 -10.48 6.79
C ILE A 96 8.28 -9.31 5.80
N ILE A 97 7.38 -9.21 4.84
CA ILE A 97 7.50 -8.16 3.85
C ILE A 97 7.39 -6.80 4.51
N SER A 98 6.44 -6.62 5.42
CA SER A 98 6.22 -5.32 6.05
C SER A 98 7.46 -4.88 6.83
N LYS A 99 8.08 -5.83 7.55
CA LYS A 99 9.33 -5.55 8.21
C LYS A 99 10.49 -5.18 7.27
N GLU A 100 10.69 -5.94 6.19
CA GLU A 100 11.74 -5.61 5.24
C GLU A 100 11.56 -4.19 4.63
N LEU A 101 10.35 -3.90 4.20
CA LEU A 101 10.07 -2.58 3.60
C LEU A 101 10.23 -1.48 4.62
N SER A 102 9.89 -1.76 5.88
CA SER A 102 10.05 -0.75 6.91
C SER A 102 11.53 -0.42 7.12
N LEU A 103 12.36 -1.46 7.10
CA LEU A 103 13.77 -1.33 7.34
C LEU A 103 14.49 -0.53 6.27
N LEU A 104 13.91 -0.44 5.07
CA LEU A 104 14.50 0.38 4.00
C LEU A 104 14.68 1.85 4.38
N SER A 105 13.89 2.38 5.29
CA SER A 105 14.11 3.80 5.75
C SER A 105 15.43 4.02 6.49
N GLY A 106 16.03 2.99 7.05
CA GLY A 106 17.32 3.11 7.76
C GLY A 106 18.53 2.44 7.14
N GLU A 107 18.38 1.88 5.95
CA GLU A 107 19.50 1.36 5.18
C GLU A 107 20.27 2.49 4.50
N VAL A 108 21.34 2.13 3.80
CA VAL A 108 22.31 3.08 3.28
C VAL A 108 22.40 2.96 1.75
N CYS A 109 22.73 1.77 1.26
CA CYS A 109 22.97 1.55 -0.19
C CYS A 109 21.68 1.61 -0.99
N ASN A 110 20.65 1.03 -0.41
CA ASN A 110 19.30 1.10 -0.91
C ASN A 110 18.33 1.54 0.18
N ARG A 111 18.04 2.84 0.19
CA ARG A 111 17.29 3.52 1.25
C ARG A 111 16.10 4.27 0.64
N THR A 112 14.94 4.06 1.23
CA THR A 112 13.74 4.83 0.96
C THR A 112 12.82 4.86 2.17
N GLU A 113 12.11 5.99 2.30
CA GLU A 113 10.99 6.17 3.24
C GLU A 113 9.61 5.94 2.59
N GLY A 114 9.61 5.45 1.36
CA GLY A 114 8.44 5.50 0.51
C GLY A 114 7.53 4.33 0.74
N PHE A 115 7.86 3.44 1.69
CA PHE A 115 6.91 2.46 2.18
C PHE A 115 6.40 2.95 3.54
N ILE A 116 6.23 2.09 4.54
CA ILE A 116 5.62 2.50 5.79
C ILE A 116 6.28 1.79 6.98
N GLY A 117 6.41 2.50 8.10
CA GLY A 117 7.01 1.92 9.28
C GLY A 117 6.12 0.85 9.90
N LEU A 118 6.73 -0.20 10.39
CA LEU A 118 6.05 -1.25 11.16
C LEU A 118 6.55 -1.16 12.59
N ASN A 119 5.66 -0.89 13.52
CA ASN A 119 6.02 -0.71 14.93
C ASN A 119 5.96 -1.99 15.72
N SER A 120 4.91 -2.79 15.48
CA SER A 120 4.76 -4.04 16.22
C SER A 120 3.82 -4.99 15.54
N VAL A 121 3.88 -6.24 15.93
CA VAL A 121 2.96 -7.26 15.52
C VAL A 121 2.60 -8.10 16.77
N HIS A 122 1.31 -8.41 16.93
CA HIS A 122 0.83 -9.19 18.06
C HIS A 122 -0.20 -10.16 17.58
N CYS A 123 -0.29 -11.25 18.32
CA CYS A 123 -1.38 -12.17 18.18
C CYS A 123 -2.29 -11.98 19.38
N VAL A 124 -3.54 -11.57 19.11
CA VAL A 124 -4.51 -11.34 20.16
C VAL A 124 -5.64 -12.37 20.07
N GLN A 125 -6.26 -12.59 21.23
CA GLN A 125 -7.39 -13.46 21.34
C GLN A 125 -8.58 -12.69 21.95
N GLY A 126 -9.77 -12.86 21.35
CA GLY A 126 -11.00 -12.29 21.88
C GLY A 126 -12.13 -12.12 20.88
N SER A 127 -13.33 -11.83 21.37
CA SER A 127 -14.37 -11.34 20.49
C SER A 127 -14.03 -9.89 20.09
N TYR A 128 -14.55 -9.44 18.96
CA TYR A 128 -14.22 -8.10 18.52
C TYR A 128 -14.67 -7.05 19.57
N PRO A 129 -13.79 -6.13 19.97
CA PRO A 129 -14.23 -5.11 20.91
C PRO A 129 -15.43 -4.25 20.42
N PRO A 130 -16.48 -4.11 21.27
CA PRO A 130 -17.60 -3.24 20.89
C PRO A 130 -17.23 -1.86 20.38
N LEU A 131 -16.16 -1.26 20.91
CA LEU A 131 -15.80 0.06 20.48
C LEU A 131 -15.24 0.04 19.04
N LEU A 132 -14.57 -1.06 18.68
CA LEU A 132 -14.20 -1.24 17.32
C LEU A 132 -15.44 -1.41 16.44
N LEU A 133 -16.44 -2.16 16.91
CA LEU A 133 -17.70 -2.30 16.17
C LEU A 133 -18.39 -0.95 15.98
N LYS A 134 -18.31 -0.11 17.02
CA LYS A 134 -18.83 1.24 16.92
C LYS A 134 -18.16 2.02 15.77
N ALA A 135 -16.83 2.06 15.78
CA ALA A 135 -16.12 2.70 14.70
C ALA A 135 -16.39 2.02 13.33
N TRP A 136 -16.50 0.70 13.31
CA TRP A 136 -16.83 0.00 12.06
C TRP A 136 -18.16 0.51 11.53
N ASP A 137 -19.14 0.60 12.43
CA ASP A 137 -20.49 1.06 12.10
C ASP A 137 -20.50 2.48 11.53
N HIS A 138 -19.74 3.38 12.16
CA HIS A 138 -19.69 4.75 11.70
C HIS A 138 -19.14 4.84 10.29
N TYR A 139 -18.13 4.04 9.99
CA TYR A 139 -17.54 4.00 8.65
C TYR A 139 -18.58 3.43 7.64
N ASN A 140 -19.32 2.41 8.06
CA ASN A 140 -20.34 1.83 7.21
C ASN A 140 -21.45 2.84 6.88
N SER A 141 -21.89 3.60 7.88
CA SER A 141 -22.85 4.70 7.68
C SER A 141 -22.41 5.78 6.74
N THR A 142 -21.13 6.08 6.71
CA THR A 142 -20.66 7.28 6.06
C THR A 142 -20.01 6.98 4.73
N LYS A 143 -19.24 5.90 4.64
CA LYS A 143 -18.60 5.50 3.41
C LYS A 143 -19.19 4.23 2.78
N GLY A 144 -19.85 3.37 3.56
CA GLY A 144 -20.22 2.03 3.07
C GLY A 144 -19.06 1.05 3.16
N SER A 145 -19.34 -0.19 3.54
CA SER A 145 -18.33 -1.24 3.67
C SER A 145 -18.68 -2.40 2.77
N ALA A 146 -17.65 -3.07 2.23
CA ALA A 146 -17.83 -4.30 1.45
C ALA A 146 -17.67 -5.52 2.35
N ASN A 147 -17.37 -5.28 3.63
CA ASN A 147 -17.13 -6.38 4.55
C ASN A 147 -18.34 -6.77 5.38
N ASP A 148 -18.29 -7.98 5.94
CA ASP A 148 -19.19 -8.40 6.98
C ASP A 148 -18.89 -7.67 8.29
N ARG A 149 -19.94 -7.30 9.03
CA ARG A 149 -19.75 -6.67 10.31
C ARG A 149 -18.98 -7.69 11.19
N PRO A 150 -17.82 -7.28 11.72
CA PRO A 150 -16.95 -8.24 12.40
C PRO A 150 -17.46 -8.66 13.80
N ASP A 151 -18.76 -8.99 13.92
CA ASP A 151 -19.41 -9.18 15.22
C ASP A 151 -19.69 -10.63 15.57
N PHE A 152 -19.14 -11.57 14.81
CA PHE A 152 -19.50 -13.00 14.95
C PHE A 152 -18.34 -13.76 15.54
N PHE A 153 -17.25 -13.09 15.85
CA PHE A 153 -16.09 -13.77 16.36
C PHE A 153 -16.32 -14.13 17.84
N LYS A 154 -15.85 -15.31 18.22
CA LYS A 154 -16.02 -15.79 19.59
C LYS A 154 -14.88 -15.31 20.44
N ASP A 155 -15.01 -15.52 21.72
CA ASP A 155 -13.98 -15.13 22.66
C ASP A 155 -12.69 -15.94 22.55
N ASP A 156 -12.70 -17.08 21.84
CA ASP A 156 -11.46 -17.79 21.54
C ASP A 156 -10.79 -17.42 20.25
N GLN A 157 -11.39 -16.49 19.48
CA GLN A 157 -10.90 -16.17 18.14
C GLN A 157 -9.54 -15.56 18.21
N LEU A 158 -8.64 -15.98 17.31
CA LEU A 158 -7.33 -15.36 17.17
C LEU A 158 -7.28 -14.31 16.04
N PHE A 159 -6.55 -13.23 16.29
CA PHE A 159 -6.24 -12.21 15.25
C PHE A 159 -4.74 -11.87 15.24
N ILE A 160 -4.26 -11.37 14.10
CA ILE A 160 -2.97 -10.68 14.05
C ILE A 160 -3.25 -9.22 13.97
N VAL A 161 -2.54 -8.44 14.80
CA VAL A 161 -2.72 -7.02 14.87
C VAL A 161 -1.40 -6.40 14.52
N LEU A 162 -1.37 -5.69 13.40
CA LEU A 162 -0.17 -5.06 12.92
C LEU A 162 -0.28 -3.60 13.20
N GLU A 163 0.70 -3.02 13.88
CA GLU A 163 0.69 -1.59 14.14
C GLU A 163 1.74 -0.90 13.26
N PHE A 164 1.25 0.03 12.43
CA PHE A 164 2.06 0.75 11.48
C PHE A 164 2.12 2.23 11.84
N GLU A 165 3.17 2.87 11.37
CA GLU A 165 3.22 4.29 11.32
C GLU A 165 2.01 4.80 10.54
N PHE A 166 1.46 5.95 10.97
CA PHE A 166 0.37 6.59 10.26
C PHE A 166 0.88 7.35 9.02
N GLY A 167 0.39 6.99 7.84
CA GLY A 167 0.99 7.51 6.58
C GLY A 167 0.28 8.64 5.84
N GLY A 168 -0.82 9.12 6.44
CA GLY A 168 -1.72 10.08 5.75
C GLY A 168 -3.01 9.49 5.16
N ILE A 169 -3.38 9.99 3.98
CA ILE A 169 -4.71 9.73 3.41
C ILE A 169 -4.52 9.19 2.02
N ASP A 170 -5.29 8.16 1.63
CA ASP A 170 -5.05 7.48 0.36
C ASP A 170 -5.37 8.40 -0.84
N LEU A 171 -4.68 8.10 -1.93
CA LEU A 171 -4.76 8.89 -3.17
C LEU A 171 -6.17 8.95 -3.74
N GLU A 172 -6.89 7.83 -3.69
CA GLU A 172 -8.29 7.78 -4.16
C GLU A 172 -9.15 8.83 -3.45
N GLN A 173 -9.06 8.89 -2.12
CA GLN A 173 -9.78 9.89 -1.34
C GLN A 173 -9.23 11.30 -1.52
N MET A 174 -7.97 11.42 -1.93
CA MET A 174 -7.40 12.73 -2.27
C MET A 174 -7.58 13.15 -3.76
N ARG A 175 -8.40 12.42 -4.50
CA ARG A 175 -8.50 12.66 -5.94
C ARG A 175 -8.94 14.07 -6.38
N THR A 176 -9.64 14.79 -5.51
CA THR A 176 -10.04 16.19 -5.78
C THR A 176 -9.23 17.21 -5.01
N LYS A 177 -8.23 16.77 -4.26
CA LYS A 177 -7.54 17.65 -3.31
C LYS A 177 -6.15 18.07 -3.74
N LEU A 178 -5.60 17.51 -4.81
CA LEU A 178 -4.22 17.84 -5.17
C LEU A 178 -4.10 19.19 -5.89
N SER A 179 -2.94 19.82 -5.69
CA SER A 179 -2.67 21.15 -6.21
C SER A 179 -2.67 21.19 -7.77
N SER A 180 -1.83 20.37 -8.42
CA SER A 180 -1.60 20.45 -9.87
C SER A 180 -1.01 19.15 -10.38
N LEU A 181 -0.78 19.09 -11.69
CA LEU A 181 -0.05 17.97 -12.30
C LEU A 181 1.43 17.89 -11.87
N ALA A 182 1.98 19.01 -11.41
CA ALA A 182 3.29 18.99 -10.75
C ALA A 182 3.27 18.13 -9.46
N THR A 183 2.17 18.18 -8.73
CA THR A 183 2.01 17.30 -7.59
C THR A 183 1.90 15.84 -8.06
N ALA A 184 1.16 15.63 -9.14
CA ALA A 184 1.06 14.30 -9.72
C ALA A 184 2.42 13.79 -10.16
N LYS A 185 3.24 14.67 -10.74
CA LYS A 185 4.58 14.30 -11.13
C LYS A 185 5.38 13.79 -9.98
N SER A 186 5.41 14.60 -8.90
CA SER A 186 6.13 14.23 -7.73
C SER A 186 5.72 12.88 -7.21
N ILE A 187 4.42 12.63 -7.14
CA ILE A 187 3.89 11.39 -6.60
C ILE A 187 4.36 10.21 -7.43
N LEU A 188 4.33 10.36 -8.77
CA LEU A 188 4.74 9.26 -9.63
C LEU A 188 6.19 8.98 -9.44
N HIS A 189 6.97 10.04 -9.30
CA HIS A 189 8.43 9.93 -9.14
C HIS A 189 8.78 9.22 -7.83
N GLN A 190 8.15 9.65 -6.76
CA GLN A 190 8.30 9.01 -5.40
C GLN A 190 7.94 7.53 -5.46
N LEU A 191 6.84 7.22 -6.16
CA LEU A 191 6.40 5.84 -6.27
C LEU A 191 7.42 5.02 -7.00
N THR A 192 7.87 5.55 -8.14
CA THR A 192 8.82 4.87 -8.95
C THR A 192 10.13 4.64 -8.24
N ALA A 193 10.63 5.65 -7.53
CA ALA A 193 11.87 5.55 -6.82
C ALA A 193 11.79 4.52 -5.71
N SER A 194 10.71 4.57 -4.94
CA SER A 194 10.50 3.63 -3.83
C SER A 194 10.45 2.19 -4.30
N LEU A 195 9.70 1.94 -5.37
CA LEU A 195 9.69 0.64 -6.02
C LEU A 195 11.03 0.26 -6.59
N ALA A 196 11.75 1.19 -7.20
CA ALA A 196 13.11 0.89 -7.67
C ALA A 196 14.05 0.42 -6.54
N VAL A 197 14.01 1.12 -5.42
CA VAL A 197 14.91 0.83 -4.33
C VAL A 197 14.61 -0.57 -3.78
N ALA A 198 13.35 -0.89 -3.64
CA ALA A 198 12.93 -2.21 -3.20
C ALA A 198 13.25 -3.30 -4.23
N GLU A 199 13.12 -2.99 -5.53
CA GLU A 199 13.58 -3.96 -6.57
C GLU A 199 15.05 -4.29 -6.38
N ALA A 200 15.87 -3.26 -6.20
CA ALA A 200 17.30 -3.41 -6.14
C ALA A 200 17.75 -4.14 -4.88
N SER A 201 17.09 -3.87 -3.76
CA SER A 201 17.46 -4.49 -2.47
CA SER A 201 17.46 -4.48 -2.46
C SER A 201 16.81 -5.83 -2.24
N LEU A 202 15.55 -5.98 -2.67
CA LEU A 202 14.72 -7.11 -2.28
C LEU A 202 14.06 -7.89 -3.44
N ARG A 203 14.25 -7.44 -4.67
CA ARG A 203 13.51 -7.98 -5.85
C ARG A 203 12.03 -8.02 -5.56
N PHE A 204 11.54 -6.85 -5.20
CA PHE A 204 10.23 -6.67 -4.65
C PHE A 204 9.23 -6.36 -5.75
N GLU A 205 8.06 -6.99 -5.65
CA GLU A 205 6.90 -6.55 -6.41
C GLU A 205 5.74 -6.33 -5.47
N HIS A 206 5.03 -5.22 -5.65
CA HIS A 206 3.92 -4.90 -4.75
C HIS A 206 2.71 -5.79 -5.04
N ARG A 207 2.39 -5.83 -6.32
CA ARG A 207 1.38 -6.69 -6.93
C ARG A 207 -0.08 -6.28 -6.74
N ASP A 208 -0.34 -5.16 -6.07
CA ASP A 208 -1.70 -4.69 -5.83
C ASP A 208 -1.74 -3.20 -5.48
N LEU A 209 -1.04 -2.40 -6.27
CA LEU A 209 -0.87 -0.99 -5.95
C LEU A 209 -1.94 -0.11 -6.63
N HIS A 210 -3.20 -0.45 -6.36
CA HIS A 210 -4.34 0.40 -6.62
C HIS A 210 -4.27 1.69 -5.80
N TRP A 211 -4.97 2.73 -6.22
CA TRP A 211 -4.81 4.04 -5.58
C TRP A 211 -5.28 4.16 -4.11
N GLY A 212 -5.99 3.16 -3.62
CA GLY A 212 -6.25 3.03 -2.22
C GLY A 212 -5.03 2.67 -1.37
N ASN A 213 -3.92 2.27 -2.05
CA ASN A 213 -2.70 1.84 -1.38
C ASN A 213 -1.54 2.83 -1.47
N VAL A 214 -1.84 4.01 -1.96
CA VAL A 214 -0.91 5.07 -2.07
C VAL A 214 -1.35 6.13 -1.07
N LEU A 215 -0.54 6.40 -0.04
CA LEU A 215 -0.92 7.41 1.01
C LEU A 215 -0.16 8.68 0.81
N LEU A 216 -0.79 9.80 1.14
CA LEU A 216 -0.19 11.11 1.02
C LEU A 216 -0.21 11.80 2.37
N LYS A 217 0.90 12.43 2.70
CA LYS A 217 1.05 13.13 3.96
C LYS A 217 1.82 14.36 3.71
N LYS A 218 1.37 15.44 4.29
CA LYS A 218 1.99 16.75 4.15
C LYS A 218 3.40 16.73 4.75
N THR A 219 4.32 17.47 4.14
CA THR A 219 5.68 17.61 4.64
C THR A 219 6.14 19.02 4.30
N SER A 220 6.99 19.59 5.15
CA SER A 220 7.56 20.88 4.85
C SER A 220 8.96 20.71 4.27
N LEU A 221 9.42 19.47 4.09
CA LEU A 221 10.65 19.25 3.31
C LEU A 221 10.37 19.55 1.84
N LYS A 222 11.22 20.33 1.21
CA LYS A 222 11.02 20.65 -0.23
C LYS A 222 11.51 19.53 -1.11
N LYS A 223 12.57 18.84 -0.66
CA LYS A 223 13.20 17.68 -1.34
C LYS A 223 13.08 16.44 -0.46
N LEU A 224 12.79 15.28 -1.06
CA LEU A 224 12.95 14.00 -0.35
C LEU A 224 14.14 13.29 -0.92
N HIS A 225 14.75 12.43 -0.09
CA HIS A 225 16.00 11.75 -0.39
C HIS A 225 15.79 10.27 -0.52
N TYR A 226 16.44 9.68 -1.48
CA TYR A 226 16.54 8.22 -1.56
C TYR A 226 17.95 7.85 -2.02
N THR A 227 18.28 6.58 -1.87
CA THR A 227 19.53 6.06 -2.35
C THR A 227 19.27 4.75 -3.08
N LEU A 228 19.78 4.66 -4.32
CA LEU A 228 19.63 3.46 -5.17
C LEU A 228 21.01 2.93 -5.52
N ASN A 229 21.33 1.71 -5.06
CA ASN A 229 22.61 1.07 -5.31
C ASN A 229 23.79 1.96 -4.98
N GLY A 230 23.73 2.65 -3.84
CA GLY A 230 24.81 3.51 -3.39
C GLY A 230 24.76 4.92 -3.93
N LYS A 231 23.85 5.23 -4.82
CA LYS A 231 23.83 6.52 -5.48
C LYS A 231 22.63 7.31 -4.97
N SER A 232 22.90 8.45 -4.33
CA SER A 232 21.87 9.23 -3.66
C SER A 232 21.29 10.27 -4.60
N SER A 233 20.01 10.54 -4.43
CA SER A 233 19.32 11.53 -5.24
C SER A 233 18.17 12.15 -4.50
N THR A 234 17.56 13.16 -5.11
CA THR A 234 16.42 13.85 -4.50
C THR A 234 15.24 14.02 -5.47
N ILE A 235 14.06 14.19 -4.90
CA ILE A 235 12.82 14.39 -5.63
C ILE A 235 12.10 15.58 -5.00
N PRO A 236 11.67 16.57 -5.82
CA PRO A 236 10.87 17.63 -5.22
C PRO A 236 9.52 17.09 -4.71
N SER A 237 9.17 17.46 -3.47
CA SER A 237 8.06 16.84 -2.76
C SER A 237 6.69 17.39 -3.17
N CYS A 238 6.68 18.64 -3.63
CA CYS A 238 5.45 19.42 -3.77
C CYS A 238 4.62 19.43 -2.49
N GLY A 239 5.28 19.51 -1.35
CA GLY A 239 4.60 19.47 -0.04
C GLY A 239 4.08 18.14 0.43
N LEU A 240 4.39 17.05 -0.27
CA LEU A 240 3.83 15.73 0.06
C LEU A 240 4.84 14.63 0.14
N GLN A 241 4.60 13.72 1.05
CA GLN A 241 5.46 12.58 1.19
C GLN A 241 4.58 11.35 0.95
N VAL A 242 4.97 10.51 -0.02
CA VAL A 242 4.19 9.31 -0.41
C VAL A 242 4.56 8.01 0.38
N SER A 243 3.56 7.23 0.79
CA SER A 243 3.80 5.93 1.43
C SER A 243 3.04 4.84 0.70
N ILE A 244 3.75 3.83 0.23
CA ILE A 244 3.14 2.64 -0.36
C ILE A 244 2.79 1.63 0.78
N ILE A 245 1.53 1.17 0.83
CA ILE A 245 1.04 0.23 1.87
C ILE A 245 0.28 -0.99 1.26
N ASP A 246 -0.08 -1.91 2.15
CA ASP A 246 -0.78 -3.18 1.88
C ASP A 246 0.02 -4.17 1.08
N TYR A 247 0.73 -5.08 1.79
CA TYR A 247 1.67 -6.01 1.16
C TYR A 247 1.09 -7.42 1.07
N THR A 248 -0.23 -7.49 1.04
CA THR A 248 -0.99 -8.73 1.03
C THR A 248 -0.63 -9.61 -0.15
N LEU A 249 -0.46 -9.00 -1.31
CA LEU A 249 -0.12 -9.78 -2.47
C LEU A 249 1.36 -9.71 -2.89
N SER A 250 2.18 -9.03 -2.08
CA SER A 250 3.53 -8.70 -2.47
C SER A 250 4.46 -9.88 -2.44
N ARG A 251 5.57 -9.69 -3.13
CA ARG A 251 6.58 -10.72 -3.30
C ARG A 251 7.94 -10.08 -3.13
N LEU A 252 8.84 -10.81 -2.46
CA LEU A 252 10.25 -10.45 -2.43
C LEU A 252 11.12 -11.67 -2.13
N GLU A 253 12.43 -11.49 -2.21
CA GLU A 253 13.34 -12.53 -1.92
C GLU A 253 14.60 -11.95 -1.33
N ARG A 254 15.27 -12.79 -0.56
CA ARG A 254 16.52 -12.49 0.11
C ARG A 254 17.33 -13.81 0.16
N ASP A 255 18.54 -13.79 -0.41
CA ASP A 255 19.46 -14.95 -0.46
C ASP A 255 18.81 -16.19 -1.06
N GLY A 256 17.99 -15.97 -2.10
CA GLY A 256 17.33 -17.06 -2.85
C GLY A 256 16.11 -17.67 -2.18
N ILE A 257 15.66 -17.06 -1.08
CA ILE A 257 14.45 -17.51 -0.38
C ILE A 257 13.38 -16.52 -0.80
N VAL A 258 12.27 -17.03 -1.32
CA VAL A 258 11.21 -16.20 -1.86
C VAL A 258 10.02 -16.21 -0.89
N VAL A 259 9.45 -15.02 -0.71
CA VAL A 259 8.31 -14.82 0.16
C VAL A 259 7.30 -14.12 -0.73
N PHE A 260 6.11 -14.72 -0.85
CA PHE A 260 5.10 -14.27 -1.80
C PHE A 260 3.74 -14.85 -1.46
N CYS A 261 2.73 -14.29 -2.07
CA CYS A 261 1.40 -14.81 -2.02
C CYS A 261 1.04 -15.57 -3.29
N ASP A 262 0.86 -16.87 -3.17
CA ASP A 262 0.50 -17.71 -4.31
C ASP A 262 -1.00 -17.59 -4.70
N VAL A 263 -1.27 -16.86 -5.77
CA VAL A 263 -2.67 -16.66 -6.21
C VAL A 263 -2.93 -17.41 -7.53
N SER A 264 -2.10 -18.39 -7.83
CA SER A 264 -2.19 -19.13 -9.09
C SER A 264 -3.54 -19.84 -9.28
N MET A 265 -4.11 -20.35 -8.19
CA MET A 265 -5.44 -20.97 -8.16
C MET A 265 -6.58 -20.03 -7.75
N ASP A 266 -6.32 -18.74 -7.59
CA ASP A 266 -7.39 -17.81 -7.31
C ASP A 266 -8.09 -17.59 -8.64
N GLU A 267 -9.41 -17.50 -8.58
CA GLU A 267 -10.22 -17.32 -9.82
C GLU A 267 -10.73 -15.89 -9.86
N ASP A 268 -11.40 -15.49 -8.77
CA ASP A 268 -12.05 -14.18 -8.68
C ASP A 268 -11.12 -13.00 -8.93
N LEU A 269 -9.86 -13.12 -8.52
CA LEU A 269 -8.90 -12.05 -8.68
C LEU A 269 -8.74 -11.60 -10.15
N PHE A 270 -8.92 -12.51 -11.11
CA PHE A 270 -8.65 -12.20 -12.53
C PHE A 270 -9.91 -11.96 -13.36
N THR A 271 -11.05 -11.88 -12.70
CA THR A 271 -12.35 -11.73 -13.38
C THR A 271 -13.07 -10.46 -12.95
N GLY A 272 -12.40 -9.54 -12.28
CA GLY A 272 -12.95 -8.21 -12.11
C GLY A 272 -13.06 -7.45 -13.43
N ASP A 273 -13.93 -6.46 -13.46
CA ASP A 273 -13.96 -5.46 -14.54
C ASP A 273 -14.58 -4.14 -14.03
N GLY A 274 -14.73 -3.17 -14.93
CA GLY A 274 -15.22 -1.83 -14.55
C GLY A 274 -14.14 -0.84 -14.13
N ASP A 275 -12.88 -1.27 -14.14
CA ASP A 275 -11.74 -0.38 -13.83
C ASP A 275 -10.50 -1.02 -14.41
N TYR A 276 -9.57 -0.20 -14.86
CA TYR A 276 -8.26 -0.71 -15.35
C TYR A 276 -7.47 -1.53 -14.27
N GLN A 277 -7.68 -1.20 -12.99
CA GLN A 277 -7.19 -2.01 -11.88
C GLN A 277 -7.36 -3.50 -12.19
N PHE A 278 -8.55 -3.90 -12.57
CA PHE A 278 -8.85 -5.31 -12.73
C PHE A 278 -8.20 -5.96 -13.96
N ASP A 279 -7.86 -5.14 -14.96
CA ASP A 279 -6.96 -5.61 -16.04
C ASP A 279 -5.49 -5.85 -15.61
N ILE A 280 -4.99 -5.01 -14.70
CA ILE A 280 -3.65 -5.23 -14.18
C ILE A 280 -3.49 -6.65 -13.64
N TYR A 281 -4.45 -7.17 -12.88
CA TYR A 281 -4.28 -8.54 -12.35
C TYR A 281 -4.09 -9.50 -13.55
N ARG A 282 -4.83 -9.28 -14.63
CA ARG A 282 -4.77 -10.22 -15.78
C ARG A 282 -3.45 -10.07 -16.49
N LEU A 283 -3.00 -8.82 -16.63
CA LEU A 283 -1.73 -8.54 -17.29
C LEU A 283 -0.54 -9.04 -16.48
N MET A 284 -0.61 -8.99 -15.13
CA MET A 284 0.39 -9.69 -14.31
C MET A 284 0.42 -11.17 -14.58
N LYS A 285 -0.74 -11.80 -14.55
CA LYS A 285 -0.80 -13.24 -14.83
C LYS A 285 -0.23 -13.60 -16.23
N LYS A 286 -0.54 -12.78 -17.21
CA LYS A 286 0.05 -12.92 -18.56
C LYS A 286 1.58 -12.81 -18.51
N GLU A 287 2.09 -11.75 -17.89
CA GLU A 287 3.53 -11.53 -17.73
C GLU A 287 4.32 -12.68 -17.06
N ASN A 288 3.76 -13.28 -16.02
CA ASN A 288 4.49 -14.31 -15.23
C ASN A 288 4.06 -15.75 -15.51
N ASN A 289 3.15 -15.91 -16.47
CA ASN A 289 2.62 -17.24 -16.83
C ASN A 289 2.05 -18.00 -15.64
N ASN A 290 1.41 -17.23 -14.75
CA ASN A 290 0.84 -17.73 -13.52
C ASN A 290 1.84 -18.39 -12.55
N ARG A 291 3.13 -18.07 -12.68
CA ARG A 291 4.13 -18.53 -11.74
C ARG A 291 4.54 -17.36 -10.81
N TRP A 292 3.85 -17.29 -9.66
CA TRP A 292 3.94 -16.13 -8.75
C TRP A 292 5.19 -16.09 -7.85
N GLY A 293 5.91 -17.20 -7.76
CA GLY A 293 7.26 -17.24 -7.15
C GLY A 293 8.34 -16.48 -7.90
N GLU A 294 8.22 -16.42 -9.22
CA GLU A 294 9.22 -15.78 -10.02
C GLU A 294 9.25 -14.28 -9.77
N TYR A 295 10.34 -13.65 -10.16
CA TYR A 295 10.46 -12.22 -10.09
C TYR A 295 10.16 -11.60 -11.45
N HIS A 296 9.11 -10.80 -11.54
CA HIS A 296 8.77 -10.08 -12.78
C HIS A 296 8.51 -8.64 -12.43
N PRO A 297 9.57 -7.83 -12.35
CA PRO A 297 9.37 -6.45 -11.91
C PRO A 297 8.59 -5.61 -12.90
N TYR A 298 8.28 -6.17 -14.07
CA TYR A 298 7.32 -5.55 -14.97
C TYR A 298 5.96 -5.34 -14.29
N SER A 299 5.63 -6.16 -13.28
CA SER A 299 4.42 -5.92 -12.50
C SER A 299 4.40 -4.54 -11.89
N ASN A 300 5.53 -4.06 -11.37
CA ASN A 300 5.58 -2.68 -10.83
C ASN A 300 5.32 -1.63 -11.92
N VAL A 301 5.84 -1.91 -13.12
CA VAL A 301 5.56 -1.02 -14.26
C VAL A 301 4.06 -0.95 -14.55
N LEU A 302 3.40 -2.11 -14.55
CA LEU A 302 1.97 -2.15 -14.79
C LEU A 302 1.22 -1.32 -13.79
N TRP A 303 1.47 -1.52 -12.49
CA TRP A 303 0.77 -0.68 -11.51
C TRP A 303 1.10 0.79 -11.70
N LEU A 304 2.31 1.12 -12.07
CA LEU A 304 2.66 2.52 -12.21
C LEU A 304 1.92 3.05 -13.42
N HIS A 305 1.73 2.20 -14.43
CA HIS A 305 0.94 2.60 -15.59
C HIS A 305 -0.50 2.88 -15.18
N TYR A 306 -1.05 1.98 -14.37
CA TYR A 306 -2.39 2.15 -13.88
C TYR A 306 -2.55 3.46 -13.08
N LEU A 307 -1.53 3.83 -12.30
CA LEU A 307 -1.59 5.02 -11.42
C LEU A 307 -1.43 6.29 -12.22
N THR A 308 -0.53 6.28 -13.18
CA THR A 308 -0.45 7.38 -14.19
C THR A 308 -1.77 7.60 -14.93
N ASP A 309 -2.42 6.50 -15.30
CA ASP A 309 -3.76 6.53 -15.93
C ASP A 309 -4.78 7.23 -15.01
N LYS A 310 -4.77 6.89 -13.72
CA LYS A 310 -5.65 7.57 -12.76
C LYS A 310 -5.29 9.04 -12.65
N MET A 311 -4.00 9.37 -12.67
CA MET A 311 -3.55 10.79 -12.60
C MET A 311 -4.13 11.65 -13.79
N LEU A 312 -4.19 11.06 -14.97
CA LEU A 312 -4.66 11.83 -16.16
C LEU A 312 -6.18 11.85 -16.32
N LYS A 313 -6.87 10.88 -15.74
CA LYS A 313 -8.28 10.67 -16.01
C LYS A 313 -9.25 10.93 -14.86
N GLN A 314 -8.89 10.55 -13.65
CA GLN A 314 -9.86 10.51 -12.58
C GLN A 314 -9.50 11.43 -11.41
N MET A 315 -8.53 12.32 -11.61
CA MET A 315 -8.18 13.38 -10.65
C MET A 315 -8.67 14.73 -11.09
N THR A 316 -9.02 15.56 -10.11
CA THR A 316 -9.37 16.97 -10.34
C THR A 316 -8.39 17.84 -9.55
N PHE A 317 -7.55 18.59 -10.25
CA PHE A 317 -6.56 19.46 -9.64
C PHE A 317 -7.11 20.85 -9.36
N LYS A 318 -6.62 21.44 -8.26
CA LYS A 318 -7.06 22.76 -7.82
C LYS A 318 -6.58 23.87 -8.76
N THR A 319 -5.35 23.80 -9.23
CA THR A 319 -4.89 24.64 -10.34
C THR A 319 -4.89 23.80 -11.61
N LYS A 320 -5.64 24.23 -12.63
CA LYS A 320 -5.60 23.56 -13.94
C LYS A 320 -4.24 23.88 -14.58
N CYS A 321 -3.85 23.11 -15.58
CA CYS A 321 -2.57 23.37 -16.26
C CYS A 321 -2.71 24.40 -17.40
N ASN A 322 -3.18 25.60 -17.10
CA ASN A 322 -3.36 26.63 -18.14
C ASN A 322 -2.24 27.62 -18.19
N THR A 323 -1.07 27.24 -17.72
CA THR A 323 0.14 28.01 -17.94
C THR A 323 1.02 27.11 -18.80
N PRO A 324 1.95 27.70 -19.56
CA PRO A 324 2.89 26.91 -20.35
C PRO A 324 3.66 25.86 -19.55
N ALA A 325 4.28 26.27 -18.46
CA ALA A 325 5.08 25.35 -17.63
C ALA A 325 4.27 24.15 -17.15
N MET A 326 3.07 24.41 -16.66
CA MET A 326 2.18 23.34 -16.20
C MET A 326 1.70 22.49 -17.37
N LYS A 327 1.46 23.12 -18.51
CA LYS A 327 1.04 22.37 -19.70
C LYS A 327 2.12 21.44 -20.20
N GLN A 328 3.39 21.85 -20.06
CA GLN A 328 4.53 21.02 -20.43
C GLN A 328 4.60 19.76 -19.52
N ILE A 329 4.36 19.93 -18.22
CA ILE A 329 4.34 18.78 -17.31
C ILE A 329 3.29 17.76 -17.70
N LYS A 330 2.11 18.27 -18.08
CA LYS A 330 1.07 17.39 -18.58
C LYS A 330 1.52 16.58 -19.78
N ARG A 331 2.16 17.22 -20.74
CA ARG A 331 2.64 16.47 -21.93
C ARG A 331 3.66 15.37 -21.56
N LYS A 332 4.54 15.68 -20.60
CA LYS A 332 5.55 14.71 -20.15
C LYS A 332 4.89 13.48 -19.48
N ILE A 333 3.84 13.71 -18.71
CA ILE A 333 3.12 12.63 -18.07
C ILE A 333 2.42 11.81 -19.16
N GLN A 334 1.83 12.49 -20.14
CA GLN A 334 1.19 11.77 -21.26
C GLN A 334 2.20 10.93 -21.99
N GLU A 335 3.36 11.52 -22.23
CA GLU A 335 4.49 10.79 -22.84
C GLU A 335 4.89 9.57 -21.99
N PHE A 336 4.95 9.79 -20.68
CA PHE A 336 5.18 8.68 -19.72
C PHE A 336 4.13 7.56 -19.89
N HIS A 337 2.87 7.95 -19.85
CA HIS A 337 1.72 6.99 -20.03
C HIS A 337 1.89 6.18 -21.30
N ARG A 338 2.31 6.90 -22.35
CA ARG A 338 2.41 6.35 -23.69
C ARG A 338 3.55 5.36 -23.86
N THR A 339 4.63 5.55 -23.12
CA THR A 339 5.86 4.80 -23.36
C THR A 339 6.30 3.86 -22.22
N MET A 340 5.86 4.12 -20.99
CA MET A 340 6.34 3.37 -19.85
C MET A 340 6.18 1.84 -19.95
N LEU A 341 5.16 1.37 -20.67
CA LEU A 341 5.01 -0.08 -20.81
C LEU A 341 6.12 -0.76 -21.62
N ASN A 342 6.99 0.03 -22.26
CA ASN A 342 8.22 -0.48 -22.85
C ASN A 342 9.45 -0.59 -21.96
N PHE A 343 9.29 -0.31 -20.66
CA PHE A 343 10.37 -0.43 -19.70
C PHE A 343 10.16 -1.70 -18.86
N SER A 344 11.23 -2.23 -18.28
CA SER A 344 11.15 -3.58 -17.78
C SER A 344 11.03 -3.68 -16.24
N SER A 345 11.08 -2.52 -15.56
CA SER A 345 11.10 -2.43 -14.10
C SER A 345 11.03 -0.98 -13.67
N ALA A 346 10.67 -0.77 -12.41
CA ALA A 346 10.69 0.55 -11.84
C ALA A 346 12.10 1.14 -11.91
N THR A 347 13.13 0.29 -11.72
CA THR A 347 14.49 0.76 -11.78
C THR A 347 14.77 1.35 -13.20
N ASP A 348 14.35 0.59 -14.22
CA ASP A 348 14.53 0.99 -15.61
C ASP A 348 13.91 2.37 -15.82
N LEU A 349 12.69 2.53 -15.34
CA LEU A 349 11.96 3.76 -15.48
C LEU A 349 12.67 4.89 -14.79
N LEU A 350 13.02 4.69 -13.52
CA LEU A 350 13.63 5.76 -12.71
C LEU A 350 14.92 6.25 -13.34
N CYS A 351 15.74 5.27 -13.76
CA CYS A 351 17.06 5.55 -14.27
C CYS A 351 17.01 6.09 -15.71
N GLN A 352 16.02 5.69 -16.50
CA GLN A 352 16.05 5.94 -17.94
C GLN A 352 14.93 6.80 -18.50
N HIS A 353 13.80 6.93 -17.83
CA HIS A 353 12.70 7.59 -18.47
C HIS A 353 12.86 9.08 -18.39
N SER A 354 12.61 9.73 -19.52
CA SER A 354 12.77 11.15 -19.65
C SER A 354 12.01 12.00 -18.60
N LEU A 355 10.91 11.48 -18.05
CA LEU A 355 10.05 12.20 -17.11
C LEU A 355 10.80 12.62 -15.85
N PHE A 356 11.81 11.83 -15.51
CA PHE A 356 12.61 12.04 -14.28
C PHE A 356 13.95 12.73 -14.52
N LYS A 357 14.22 13.22 -15.73
CA LYS A 357 15.48 13.89 -16.02
C LYS A 357 15.37 15.39 -15.81
#